data_2EK9
#
_entry.id   2EK9
#
_cell.length_a   93.813
_cell.length_b   68.678
_cell.length_c   77.044
_cell.angle_alpha   90.00
_cell.angle_beta   90.00
_cell.angle_gamma   90.00
#
_symmetry.space_group_name_H-M   'P 21 21 2'
#
loop_
_entity.id
_entity.type
_entity.pdbx_description
1 polymer Aminopeptidase
2 non-polymer 'ZINC ION'
3 non-polymer '2-(3-AMINO-2-HYDROXY-4-PHENYL-BUTYRYLAMINO)-4-METHYL-PENTANOIC ACID'
4 non-polymer 'ISOPROPYL ALCOHOL'
5 water water
#
_entity_poly.entity_id   1
_entity_poly.type   'polypeptide(L)'
_entity_poly.pdbx_seq_one_letter_code
;APAHADHQITKRTDAENMYNTIQFLSQAPRVAGSPEELKAVRYIEQQFKSYGYHVEVQPFQFEGYTAPSEVTLKIGTEKK
EGEAFTYSPNSDVTAELVYVGLGTTADVAGKDLNGKIALIQRGNISFADKVRNAAKQGAKAVIIYNNTDGKLNGTLGGSD
ASFVAAVGITKQEGDALAANLRAGEKITATVKVAGAEVKTLTSHNVIATKKPDANKKNTNDIIIIGSHHDSVEKAPGAND
DASGVAVTLELARVMSKLKTDTELRFITFGAEENGLIGSKKYAASLSEDEIKRTIGMFQLDMVGSKDAGDLIMYTIDGKK
NRVTDLGAAASSRLSGVLPYGQEGRSDHESFHALGIPAALFIHAPVEPWYHTPNDTLDKISKEKLDNVADIVGSAVYQAA
RPGELVIEPIDYPRRNVELQN
;
_entity_poly.pdbx_strand_id   A
#
loop_
_chem_comp.id
_chem_comp.type
_chem_comp.name
_chem_comp.formula
BES non-polymer '2-(3-AMINO-2-HYDROXY-4-PHENYL-BUTYRYLAMINO)-4-METHYL-PENTANOIC ACID' 'C16 H24 N2 O4'
IPA non-polymer 'ISOPROPYL ALCOHOL' 'C3 H8 O'
ZN non-polymer 'ZINC ION' 'Zn 2'
#
# COMPACT_ATOMS: atom_id res chain seq x y z
N ALA A 5 -31.76 -9.82 1.56
CA ALA A 5 -30.53 -10.65 1.61
C ALA A 5 -29.43 -10.01 2.48
N ASP A 6 -29.36 -8.68 2.49
CA ASP A 6 -28.34 -7.99 3.29
C ASP A 6 -28.41 -8.39 4.77
N HIS A 7 -29.61 -8.70 5.25
CA HIS A 7 -29.77 -9.06 6.66
C HIS A 7 -28.93 -10.27 7.06
N GLN A 8 -28.68 -11.18 6.12
CA GLN A 8 -27.86 -12.35 6.42
C GLN A 8 -26.45 -11.89 6.79
N ILE A 9 -26.06 -10.74 6.26
CA ILE A 9 -24.74 -10.16 6.54
C ILE A 9 -24.79 -9.22 7.75
N THR A 10 -25.66 -8.21 7.67
CA THR A 10 -25.76 -7.22 8.73
C THR A 10 -26.11 -7.75 10.11
N LYS A 11 -26.82 -8.86 10.19
CA LYS A 11 -27.16 -9.39 11.51
C LYS A 11 -26.02 -10.20 12.13
N ARG A 12 -25.00 -10.51 11.34
CA ARG A 12 -23.85 -11.30 11.81
C ARG A 12 -22.52 -10.58 11.98
N THR A 13 -22.42 -9.35 11.47
CA THR A 13 -21.18 -8.60 11.55
C THR A 13 -20.85 -8.19 12.98
N ASP A 14 -19.90 -8.91 13.57
CA ASP A 14 -19.51 -8.68 14.97
C ASP A 14 -18.37 -7.68 15.11
N ALA A 15 -18.69 -6.47 15.57
CA ALA A 15 -17.69 -5.41 15.74
C ALA A 15 -16.70 -5.70 16.86
N GLU A 16 -17.11 -6.49 17.85
CA GLU A 16 -16.21 -6.81 18.96
C GLU A 16 -15.10 -7.74 18.43
N ASN A 17 -15.47 -8.68 17.58
CA ASN A 17 -14.49 -9.60 16.98
C ASN A 17 -13.42 -8.79 16.25
N MET A 18 -13.88 -7.84 15.43
CA MET A 18 -12.97 -7.01 14.65
C MET A 18 -12.09 -6.15 15.55
N TYR A 19 -12.67 -5.57 16.59
CA TYR A 19 -11.89 -4.74 17.51
C TYR A 19 -10.79 -5.61 18.12
N ASN A 20 -11.16 -6.82 18.53
CA ASN A 20 -10.22 -7.75 19.15
C ASN A 20 -9.09 -8.14 18.20
N THR A 21 -9.39 -8.29 16.91
CA THR A 21 -8.35 -8.63 15.94
C THR A 21 -7.33 -7.50 15.90
N ILE A 22 -7.83 -6.27 15.85
CA ILE A 22 -6.95 -5.10 15.79
C ILE A 22 -6.12 -4.97 17.08
N GLN A 23 -6.74 -5.24 18.22
CA GLN A 23 -6.03 -5.14 19.50
C GLN A 23 -4.85 -6.10 19.52
N PHE A 24 -5.09 -7.35 19.10
CA PHE A 24 -4.00 -8.31 19.11
C PHE A 24 -2.88 -7.93 18.14
N LEU A 25 -3.25 -7.58 16.90
CA LEU A 25 -2.26 -7.25 15.88
C LEU A 25 -1.47 -5.97 16.09
N SER A 26 -2.08 -4.96 16.67
CA SER A 26 -1.38 -3.68 16.87
C SER A 26 -0.61 -3.51 18.17
N GLN A 27 -0.21 -4.60 18.80
CA GLN A 27 0.55 -4.51 20.04
C GLN A 27 1.95 -3.98 19.70
N ALA A 28 2.33 -4.16 18.43
CA ALA A 28 3.62 -3.69 17.95
C ALA A 28 3.58 -3.60 16.43
N PRO A 29 4.49 -2.83 15.84
CA PRO A 29 4.52 -2.69 14.38
C PRO A 29 4.76 -4.06 13.74
N ARG A 30 4.28 -4.23 12.51
CA ARG A 30 4.45 -5.50 11.80
C ARG A 30 5.22 -5.26 10.50
N VAL A 31 6.51 -4.96 10.62
CA VAL A 31 7.35 -4.71 9.46
C VAL A 31 7.48 -6.00 8.65
N ALA A 32 7.29 -5.90 7.34
CA ALA A 32 7.37 -7.07 6.47
C ALA A 32 8.65 -7.86 6.63
N GLY A 33 8.51 -9.18 6.72
CA GLY A 33 9.66 -10.05 6.87
C GLY A 33 10.23 -10.15 8.28
N SER A 34 9.58 -9.49 9.23
CA SER A 34 10.04 -9.49 10.61
C SER A 34 9.31 -10.54 11.45
N PRO A 35 9.81 -10.79 12.68
CA PRO A 35 9.16 -11.78 13.54
C PRO A 35 7.72 -11.36 13.87
N GLU A 36 7.47 -10.07 13.91
CA GLU A 36 6.12 -9.59 14.21
C GLU A 36 5.15 -9.88 13.06
N GLU A 37 5.62 -9.76 11.82
CA GLU A 37 4.74 -10.06 10.70
C GLU A 37 4.48 -11.57 10.68
N LEU A 38 5.50 -12.35 11.03
CA LEU A 38 5.34 -13.80 11.07
C LEU A 38 4.27 -14.14 12.10
N LYS A 39 4.35 -13.46 13.25
CA LYS A 39 3.38 -13.65 14.31
C LYS A 39 1.96 -13.34 13.78
N ALA A 40 1.83 -12.28 13.00
CA ALA A 40 0.52 -11.92 12.45
C ALA A 40 0.04 -13.01 11.48
N VAL A 41 0.96 -13.54 10.70
CA VAL A 41 0.62 -14.58 9.73
C VAL A 41 0.04 -15.80 10.45
N ARG A 42 0.71 -16.23 11.53
CA ARG A 42 0.24 -17.38 12.30
C ARG A 42 -1.13 -17.11 12.94
N TYR A 43 -1.32 -15.90 13.45
CA TYR A 43 -2.59 -15.54 14.08
C TYR A 43 -3.73 -15.56 13.07
N ILE A 44 -3.52 -14.90 11.93
CA ILE A 44 -4.53 -14.84 10.88
C ILE A 44 -4.86 -16.26 10.39
N GLU A 45 -3.82 -17.06 10.18
CA GLU A 45 -4.02 -18.44 9.74
C GLU A 45 -4.94 -19.15 10.72
N GLN A 46 -4.63 -19.04 12.01
CA GLN A 46 -5.43 -19.70 13.03
C GLN A 46 -6.88 -19.22 13.10
N GLN A 47 -7.12 -17.93 12.89
CA GLN A 47 -8.50 -17.44 12.95
C GLN A 47 -9.30 -18.00 11.77
N PHE A 48 -8.72 -18.01 10.59
CA PHE A 48 -9.39 -18.55 9.41
C PHE A 48 -9.74 -20.01 9.68
N LYS A 49 -8.79 -20.76 10.23
CA LYS A 49 -9.02 -22.17 10.53
C LYS A 49 -10.17 -22.33 11.51
N SER A 50 -10.22 -21.48 12.53
CA SER A 50 -11.29 -21.56 13.53
C SER A 50 -12.67 -21.36 12.91
N TYR A 51 -12.72 -20.67 11.77
CA TYR A 51 -13.98 -20.44 11.09
C TYR A 51 -14.32 -21.65 10.22
N GLY A 52 -13.38 -22.59 10.14
CA GLY A 52 -13.60 -23.80 9.34
C GLY A 52 -12.96 -23.79 7.97
N TYR A 53 -12.10 -22.80 7.71
CA TYR A 53 -11.44 -22.69 6.41
C TYR A 53 -10.17 -23.51 6.27
N HIS A 54 -9.89 -23.91 5.03
CA HIS A 54 -8.66 -24.61 4.71
C HIS A 54 -7.77 -23.42 4.38
N VAL A 55 -6.59 -23.34 4.99
CA VAL A 55 -5.71 -22.22 4.77
C VAL A 55 -4.38 -22.58 4.11
N GLU A 56 -3.90 -21.71 3.22
CA GLU A 56 -2.63 -21.89 2.56
C GLU A 56 -1.78 -20.65 2.85
N VAL A 57 -0.47 -20.85 3.02
CA VAL A 57 0.43 -19.75 3.29
C VAL A 57 1.48 -19.71 2.17
N GLN A 58 1.44 -18.66 1.36
CA GLN A 58 2.39 -18.53 0.26
C GLN A 58 3.58 -17.68 0.66
N PRO A 59 4.78 -18.27 0.68
CA PRO A 59 5.98 -17.51 1.06
C PRO A 59 6.56 -16.81 -0.18
N PHE A 60 7.38 -15.80 0.05
CA PHE A 60 8.04 -15.10 -1.05
C PHE A 60 9.19 -14.28 -0.48
N GLN A 61 10.27 -14.16 -1.24
CA GLN A 61 11.42 -13.40 -0.78
C GLN A 61 11.43 -12.03 -1.45
N PHE A 62 12.12 -11.08 -0.80
CA PHE A 62 12.23 -9.74 -1.34
C PHE A 62 13.40 -9.04 -0.64
N GLU A 63 13.96 -8.04 -1.31
CA GLU A 63 15.09 -7.29 -0.77
C GLU A 63 14.64 -6.27 0.26
N GLY A 64 15.06 -6.47 1.51
CA GLY A 64 14.71 -5.54 2.57
C GLY A 64 15.78 -4.48 2.70
N TYR A 65 15.45 -3.37 3.35
CA TYR A 65 16.41 -2.29 3.52
C TYR A 65 16.58 -1.86 4.96
N THR A 66 17.84 -1.79 5.39
CA THR A 66 18.16 -1.36 6.75
C THR A 66 18.69 0.06 6.64
N ALA A 67 17.92 1.02 7.15
CA ALA A 67 18.29 2.43 7.11
C ALA A 67 19.71 2.67 7.60
N PRO A 68 20.41 3.64 7.00
CA PRO A 68 21.80 3.96 7.38
C PRO A 68 21.89 4.47 8.82
N SER A 69 22.98 4.12 9.50
CA SER A 69 23.18 4.54 10.88
C SER A 69 23.31 6.06 11.01
N GLU A 70 23.75 6.71 9.94
CA GLU A 70 23.89 8.16 9.97
C GLU A 70 23.93 8.79 8.57
N VAL A 71 23.23 9.91 8.43
CA VAL A 71 23.17 10.64 7.17
C VAL A 71 23.74 12.05 7.38
N THR A 72 24.99 12.25 6.97
CA THR A 72 25.62 13.54 7.13
C THR A 72 25.71 14.30 5.81
N LEU A 73 24.99 15.42 5.75
CA LEU A 73 24.97 16.27 4.56
C LEU A 73 25.51 17.64 4.91
N LYS A 74 26.43 18.14 4.08
CA LYS A 74 27.03 19.45 4.33
C LYS A 74 27.31 20.24 3.07
N ILE A 75 26.89 21.51 3.07
CA ILE A 75 27.12 22.39 1.94
C ILE A 75 28.32 23.28 2.27
N GLY A 76 29.50 22.84 1.83
CA GLY A 76 30.71 23.58 2.11
C GLY A 76 31.17 23.36 3.53
N THR A 77 30.50 24.00 4.47
CA THR A 77 30.83 23.87 5.89
C THR A 77 29.57 23.69 6.72
N GLU A 78 28.50 24.38 6.33
CA GLU A 78 27.23 24.30 7.04
C GLU A 78 26.63 22.91 6.91
N LYS A 79 26.04 22.42 7.98
CA LYS A 79 25.42 21.10 7.97
C LYS A 79 23.91 21.23 7.80
N LYS A 80 23.37 20.51 6.84
CA LYS A 80 21.94 20.55 6.54
C LYS A 80 21.22 19.27 7.00
N GLU A 81 19.89 19.31 6.97
CA GLU A 81 19.09 18.15 7.36
C GLU A 81 18.69 17.34 6.13
N GLY A 82 19.08 16.08 6.11
CA GLY A 82 18.75 15.23 4.98
C GLY A 82 18.42 13.80 5.35
N GLU A 83 17.42 13.24 4.69
CA GLU A 83 17.00 11.86 4.94
C GLU A 83 17.29 10.99 3.72
N ALA A 84 18.15 9.99 3.90
CA ALA A 84 18.52 9.09 2.82
C ALA A 84 17.31 8.29 2.35
N PHE A 85 17.11 8.23 1.04
CA PHE A 85 15.99 7.48 0.48
C PHE A 85 16.21 6.00 0.77
N THR A 86 15.12 5.26 0.93
CA THR A 86 15.23 3.84 1.20
C THR A 86 15.87 3.17 -0.01
N TYR A 87 16.82 2.27 0.25
CA TYR A 87 17.56 1.54 -0.78
C TYR A 87 18.72 2.38 -1.30
N SER A 88 19.05 3.43 -0.57
CA SER A 88 20.14 4.32 -0.95
C SER A 88 21.49 3.69 -0.60
N PRO A 89 22.42 3.67 -1.56
CA PRO A 89 23.74 3.09 -1.30
C PRO A 89 24.49 3.93 -0.27
N ASN A 90 25.64 3.44 0.17
CA ASN A 90 26.45 4.16 1.14
C ASN A 90 27.38 5.11 0.38
N SER A 91 27.84 6.15 1.05
CA SER A 91 28.75 7.10 0.41
C SER A 91 29.54 7.95 1.39
N ASP A 92 30.65 8.48 0.90
CA ASP A 92 31.53 9.34 1.69
C ASP A 92 32.28 10.19 0.68
N VAL A 93 31.54 11.01 -0.05
CA VAL A 93 32.13 11.85 -1.08
C VAL A 93 31.89 13.34 -0.85
N THR A 94 32.87 14.14 -1.25
CA THR A 94 32.83 15.59 -1.12
C THR A 94 33.28 16.13 -2.47
N ALA A 95 32.39 16.83 -3.16
CA ALA A 95 32.73 17.39 -4.45
C ALA A 95 31.81 18.55 -4.80
N GLU A 96 31.99 19.10 -5.99
CA GLU A 96 31.18 20.22 -6.45
C GLU A 96 29.73 19.81 -6.65
N LEU A 97 28.81 20.69 -6.24
CA LEU A 97 27.39 20.44 -6.37
C LEU A 97 26.92 21.00 -7.71
N VAL A 98 26.23 20.17 -8.50
CA VAL A 98 25.74 20.59 -9.80
C VAL A 98 24.24 20.45 -9.94
N TYR A 99 23.57 21.56 -10.27
CA TYR A 99 22.12 21.56 -10.44
C TYR A 99 21.78 21.02 -11.83
N VAL A 100 20.99 19.95 -11.86
CA VAL A 100 20.60 19.36 -13.14
C VAL A 100 19.09 19.33 -13.34
N GLY A 101 18.41 20.31 -12.78
CA GLY A 101 16.96 20.40 -12.92
C GLY A 101 16.19 19.22 -12.39
N LEU A 102 15.37 18.62 -13.25
CA LEU A 102 14.54 17.47 -12.87
C LEU A 102 15.28 16.15 -13.02
N GLY A 103 16.53 16.22 -13.46
CA GLY A 103 17.34 15.02 -13.61
C GLY A 103 16.94 14.09 -14.75
N THR A 104 16.22 14.60 -15.73
CA THR A 104 15.81 13.78 -16.86
C THR A 104 17.05 13.33 -17.61
N THR A 105 16.89 12.37 -18.51
CA THR A 105 18.02 11.86 -19.29
C THR A 105 18.66 13.00 -20.08
N ALA A 106 17.87 14.02 -20.39
CA ALA A 106 18.35 15.17 -21.15
C ALA A 106 18.99 16.22 -20.24
N ASP A 107 18.37 16.45 -19.09
CA ASP A 107 18.87 17.43 -18.13
C ASP A 107 20.30 17.14 -17.70
N VAL A 108 20.63 15.86 -17.55
CA VAL A 108 21.96 15.46 -17.12
C VAL A 108 22.92 15.20 -18.29
N ALA A 109 22.36 15.00 -19.48
CA ALA A 109 23.16 14.73 -20.66
C ALA A 109 24.07 15.91 -21.04
N GLY A 110 23.54 17.12 -20.91
CA GLY A 110 24.32 18.29 -21.26
C GLY A 110 25.21 18.83 -20.16
N LYS A 111 25.17 18.19 -18.99
CA LYS A 111 25.98 18.63 -17.85
C LYS A 111 27.16 17.70 -17.58
N ASP A 112 28.16 18.23 -16.88
CA ASP A 112 29.35 17.47 -16.53
C ASP A 112 29.26 17.05 -15.07
N LEU A 113 28.75 15.83 -14.85
CA LEU A 113 28.57 15.32 -13.49
C LEU A 113 29.65 14.34 -13.03
N ASN A 114 30.65 14.11 -13.88
CA ASN A 114 31.73 13.18 -13.55
C ASN A 114 32.32 13.46 -12.18
N GLY A 115 32.11 12.52 -11.25
CA GLY A 115 32.66 12.66 -9.91
C GLY A 115 32.02 13.72 -9.03
N LYS A 116 31.00 14.41 -9.54
CA LYS A 116 30.33 15.45 -8.79
C LYS A 116 29.03 15.01 -8.14
N ILE A 117 28.44 15.89 -7.35
CA ILE A 117 27.19 15.62 -6.65
C ILE A 117 26.08 16.39 -7.37
N ALA A 118 25.02 15.68 -7.75
CA ALA A 118 23.91 16.32 -8.45
C ALA A 118 22.82 16.82 -7.52
N LEU A 119 22.29 18.00 -7.85
CA LEU A 119 21.19 18.59 -7.09
C LEU A 119 20.00 18.46 -8.03
N ILE A 120 19.01 17.67 -7.61
CA ILE A 120 17.84 17.44 -8.44
C ILE A 120 16.53 17.83 -7.75
N GLN A 121 15.64 18.45 -8.51
CA GLN A 121 14.35 18.88 -7.99
C GLN A 121 13.33 17.77 -8.22
N ARG A 122 12.51 17.50 -7.20
CA ARG A 122 11.49 16.48 -7.29
C ARG A 122 10.43 16.83 -8.32
N GLY A 123 9.92 15.81 -9.04
CA GLY A 123 8.90 16.06 -10.04
C GLY A 123 9.02 15.25 -11.32
N ASN A 124 7.89 15.13 -12.02
CA ASN A 124 7.79 14.40 -13.28
C ASN A 124 8.16 12.92 -13.22
N ILE A 125 9.45 12.64 -13.05
CA ILE A 125 9.93 11.26 -12.98
C ILE A 125 10.09 10.76 -11.56
N SER A 126 10.33 9.45 -11.42
CA SER A 126 10.51 8.84 -10.11
C SER A 126 11.89 9.12 -9.54
N PHE A 127 12.01 9.09 -8.22
CA PHE A 127 13.28 9.34 -7.57
C PHE A 127 14.31 8.35 -8.09
N ALA A 128 13.85 7.15 -8.43
CA ALA A 128 14.71 6.10 -8.93
C ALA A 128 15.38 6.49 -10.25
N ASP A 129 14.60 7.03 -11.18
CA ASP A 129 15.14 7.44 -12.47
C ASP A 129 16.13 8.59 -12.34
N LYS A 130 15.84 9.52 -11.45
CA LYS A 130 16.71 10.68 -11.22
C LYS A 130 18.08 10.21 -10.76
N VAL A 131 18.11 9.38 -9.73
CA VAL A 131 19.36 8.87 -9.20
C VAL A 131 20.09 8.06 -10.27
N ARG A 132 19.31 7.26 -10.99
CA ARG A 132 19.85 6.42 -12.05
C ARG A 132 20.42 7.26 -13.18
N ASN A 133 19.63 8.22 -13.67
CA ASN A 133 20.08 9.09 -14.75
C ASN A 133 21.33 9.88 -14.39
N ALA A 134 21.40 10.35 -13.15
CA ALA A 134 22.54 11.12 -12.69
C ALA A 134 23.76 10.24 -12.45
N ALA A 135 23.53 9.05 -11.93
CA ALA A 135 24.62 8.11 -11.65
C ALA A 135 25.28 7.65 -12.94
N LYS A 136 24.49 7.50 -14.00
CA LYS A 136 25.00 7.07 -15.29
C LYS A 136 25.96 8.09 -15.88
N GLN A 137 25.84 9.33 -15.44
CA GLN A 137 26.70 10.40 -15.93
C GLN A 137 27.94 10.56 -15.07
N GLY A 138 28.12 9.66 -14.11
CA GLY A 138 29.29 9.72 -13.25
C GLY A 138 29.09 10.36 -11.90
N ALA A 139 27.88 10.82 -11.61
CA ALA A 139 27.59 11.44 -10.32
C ALA A 139 27.90 10.46 -9.20
N LYS A 140 28.58 10.94 -8.16
CA LYS A 140 28.94 10.10 -7.02
C LYS A 140 27.88 10.13 -5.91
N ALA A 141 26.98 11.10 -5.99
CA ALA A 141 25.92 11.22 -4.99
C ALA A 141 24.82 12.11 -5.55
N VAL A 142 23.65 12.04 -4.93
CA VAL A 142 22.51 12.83 -5.39
C VAL A 142 21.75 13.49 -4.25
N ILE A 143 21.40 14.76 -4.44
CA ILE A 143 20.65 15.53 -3.46
C ILE A 143 19.35 15.93 -4.14
N ILE A 144 18.22 15.50 -3.59
CA ILE A 144 16.93 15.84 -4.15
C ILE A 144 16.19 16.72 -3.16
N TYR A 145 15.60 17.81 -3.64
CA TYR A 145 14.87 18.70 -2.74
C TYR A 145 13.36 18.72 -2.99
N ASN A 146 12.61 18.93 -1.92
CA ASN A 146 11.14 18.95 -1.92
C ASN A 146 10.43 19.90 -2.88
N ASN A 147 9.13 19.64 -3.04
CA ASN A 147 8.24 20.42 -3.89
C ASN A 147 7.22 21.05 -2.94
N THR A 148 7.20 20.55 -1.71
CA THR A 148 6.31 21.04 -0.68
C THR A 148 7.07 21.09 0.63
N ASP A 149 6.41 21.51 1.70
CA ASP A 149 7.03 21.61 3.01
C ASP A 149 7.32 20.23 3.59
N GLY A 150 7.99 20.20 4.74
CA GLY A 150 8.30 18.95 5.39
C GLY A 150 9.39 18.15 4.71
N LYS A 151 10.04 17.27 5.45
CA LYS A 151 11.11 16.43 4.91
C LYS A 151 10.68 15.71 3.65
N LEU A 152 11.66 15.35 2.82
CA LEU A 152 11.38 14.64 1.58
C LEU A 152 11.67 13.17 1.81
N ASN A 153 10.62 12.41 2.13
CA ASN A 153 10.77 10.98 2.38
C ASN A 153 10.23 10.18 1.20
N GLY A 154 11.09 9.38 0.59
CA GLY A 154 10.70 8.58 -0.54
C GLY A 154 11.48 7.28 -0.60
N THR A 155 11.33 6.56 -1.70
CA THR A 155 12.02 5.29 -1.89
C THR A 155 12.47 5.15 -3.32
N LEU A 156 13.59 4.47 -3.52
CA LEU A 156 14.11 4.25 -4.86
C LEU A 156 13.45 3.00 -5.44
N GLY A 157 12.41 2.53 -4.76
CA GLY A 157 11.69 1.36 -5.21
C GLY A 157 12.25 0.08 -4.61
N GLY A 158 13.45 -0.28 -5.05
CA GLY A 158 14.11 -1.47 -4.55
C GLY A 158 15.61 -1.36 -4.74
N SER A 159 16.34 -2.38 -4.30
CA SER A 159 17.79 -2.38 -4.42
C SER A 159 18.21 -2.34 -5.88
N ASP A 160 19.30 -1.63 -6.16
CA ASP A 160 19.81 -1.51 -7.52
C ASP A 160 21.22 -0.92 -7.48
N ALA A 161 22.21 -1.76 -7.77
CA ALA A 161 23.61 -1.35 -7.75
C ALA A 161 23.87 -0.21 -8.74
N SER A 162 22.88 0.14 -9.54
CA SER A 162 23.03 1.22 -10.51
C SER A 162 22.84 2.58 -9.83
N PHE A 163 22.48 2.55 -8.55
CA PHE A 163 22.28 3.78 -7.79
C PHE A 163 23.55 4.26 -7.09
N VAL A 164 23.44 5.46 -6.53
CA VAL A 164 24.51 6.09 -5.77
C VAL A 164 23.75 6.71 -4.62
N ALA A 165 24.43 6.97 -3.50
CA ALA A 165 23.78 7.57 -2.35
C ALA A 165 22.87 8.70 -2.77
N ALA A 166 21.67 8.73 -2.19
CA ALA A 166 20.70 9.76 -2.51
C ALA A 166 20.00 10.22 -1.25
N VAL A 167 20.02 11.53 -1.00
CA VAL A 167 19.39 12.08 0.20
C VAL A 167 18.45 13.22 -0.19
N GLY A 168 17.32 13.29 0.49
CA GLY A 168 16.34 14.32 0.20
C GLY A 168 16.37 15.48 1.17
N ILE A 169 15.99 16.66 0.70
CA ILE A 169 15.95 17.87 1.52
C ILE A 169 14.70 18.69 1.19
N THR A 170 14.34 19.60 2.08
CA THR A 170 13.15 20.43 1.92
C THR A 170 13.17 21.32 0.68
N LYS A 171 12.01 21.89 0.36
CA LYS A 171 11.85 22.77 -0.78
C LYS A 171 12.59 24.08 -0.59
N GLN A 172 12.49 24.66 0.61
CA GLN A 172 13.16 25.92 0.90
C GLN A 172 14.68 25.80 0.77
N GLU A 173 15.25 24.90 1.57
CA GLU A 173 16.70 24.68 1.55
C GLU A 173 17.18 24.21 0.17
N GLY A 174 16.24 23.79 -0.67
CA GLY A 174 16.60 23.32 -2.00
C GLY A 174 16.56 24.40 -3.05
N ASP A 175 15.48 25.17 -3.08
CA ASP A 175 15.34 26.25 -4.06
C ASP A 175 16.44 27.29 -3.88
N ALA A 176 16.96 27.39 -2.66
CA ALA A 176 18.02 28.35 -2.34
C ALA A 176 19.31 27.96 -3.05
N LEU A 177 19.73 26.71 -2.88
CA LEU A 177 20.94 26.22 -3.52
C LEU A 177 20.80 26.33 -5.03
N ALA A 178 19.65 25.90 -5.54
CA ALA A 178 19.39 25.94 -6.97
C ALA A 178 19.52 27.37 -7.50
N ALA A 179 19.05 28.33 -6.71
CA ALA A 179 19.12 29.74 -7.11
C ALA A 179 20.57 30.19 -7.12
N ASN A 180 21.28 29.91 -6.04
CA ASN A 180 22.70 30.27 -5.92
C ASN A 180 23.50 29.67 -7.07
N LEU A 181 23.21 28.41 -7.39
CA LEU A 181 23.91 27.74 -8.47
C LEU A 181 23.56 28.39 -9.81
N ARG A 182 22.28 28.73 -10.00
CA ARG A 182 21.85 29.37 -11.23
C ARG A 182 22.51 30.73 -11.38
N ALA A 183 22.73 31.41 -10.27
CA ALA A 183 23.35 32.74 -10.28
C ALA A 183 24.83 32.68 -10.64
N GLY A 184 25.37 31.46 -10.78
CA GLY A 184 26.77 31.32 -11.14
C GLY A 184 27.72 31.02 -10.00
N GLU A 185 27.19 30.71 -8.83
CA GLU A 185 28.05 30.41 -7.69
C GLU A 185 28.59 28.99 -7.79
N LYS A 186 29.82 28.80 -7.35
CA LYS A 186 30.44 27.47 -7.37
C LYS A 186 30.31 26.93 -5.95
N ILE A 187 29.52 25.88 -5.80
CA ILE A 187 29.29 25.29 -4.48
C ILE A 187 29.84 23.88 -4.33
N THR A 188 30.32 23.56 -3.13
CA THR A 188 30.86 22.25 -2.82
C THR A 188 29.96 21.63 -1.76
N ALA A 189 29.78 20.32 -1.82
CA ALA A 189 28.92 19.65 -0.85
C ALA A 189 29.52 18.32 -0.40
N THR A 190 28.97 17.79 0.69
CA THR A 190 29.42 16.52 1.24
C THR A 190 28.23 15.60 1.46
N VAL A 191 28.33 14.38 0.96
CA VAL A 191 27.27 13.40 1.11
C VAL A 191 27.85 12.12 1.70
N LYS A 192 27.64 11.94 2.99
CA LYS A 192 28.13 10.74 3.69
C LYS A 192 26.96 9.92 4.19
N VAL A 193 26.86 8.70 3.66
CA VAL A 193 25.80 7.78 4.05
C VAL A 193 26.46 6.48 4.49
N ALA A 194 26.26 6.10 5.74
CA ALA A 194 26.85 4.89 6.28
C ALA A 194 25.84 4.09 7.09
N GLY A 195 26.05 2.77 7.13
CA GLY A 195 25.15 1.92 7.87
C GLY A 195 24.14 1.21 7.00
N ALA A 196 23.69 1.88 5.94
CA ALA A 196 22.72 1.31 5.01
C ALA A 196 23.07 -0.11 4.61
N GLU A 197 22.06 -0.98 4.61
CA GLU A 197 22.26 -2.38 4.24
C GLU A 197 21.02 -2.98 3.58
N VAL A 198 21.24 -3.87 2.62
CA VAL A 198 20.16 -4.55 1.92
C VAL A 198 20.24 -6.02 2.32
N LYS A 199 19.11 -6.62 2.61
CA LYS A 199 19.08 -8.01 3.03
C LYS A 199 17.88 -8.75 2.45
N THR A 200 18.03 -10.05 2.20
CA THR A 200 16.94 -10.85 1.67
C THR A 200 16.03 -11.29 2.79
N LEU A 201 14.76 -10.93 2.68
CA LEU A 201 13.77 -11.27 3.69
C LEU A 201 12.69 -12.16 3.10
N THR A 202 11.92 -12.79 3.98
CA THR A 202 10.83 -13.66 3.56
C THR A 202 9.53 -13.20 4.20
N SER A 203 8.52 -12.94 3.36
CA SER A 203 7.22 -12.52 3.86
C SER A 203 6.22 -13.58 3.41
N HIS A 204 4.95 -13.39 3.72
CA HIS A 204 3.93 -14.38 3.36
C HIS A 204 2.56 -13.77 3.08
N ASN A 205 1.74 -14.54 2.36
CA ASN A 205 0.37 -14.16 2.08
C ASN A 205 -0.42 -15.32 2.70
N VAL A 206 -1.54 -15.02 3.35
CA VAL A 206 -2.39 -16.05 3.96
C VAL A 206 -3.65 -16.13 3.10
N ILE A 207 -3.97 -17.33 2.61
CA ILE A 207 -5.13 -17.50 1.74
C ILE A 207 -6.13 -18.52 2.28
N ALA A 208 -7.36 -18.05 2.50
CA ALA A 208 -8.44 -18.90 3.01
C ALA A 208 -9.53 -18.93 1.94
N THR A 209 -9.88 -20.12 1.47
CA THR A 209 -10.87 -20.23 0.40
C THR A 209 -12.12 -21.01 0.77
N LYS A 210 -13.27 -20.47 0.38
CA LYS A 210 -14.55 -21.14 0.61
C LYS A 210 -15.07 -21.54 -0.77
N LYS A 211 -15.08 -22.84 -1.04
CA LYS A 211 -15.56 -23.33 -2.32
C LYS A 211 -17.08 -23.23 -2.35
N PRO A 212 -17.66 -23.02 -3.55
CA PRO A 212 -19.13 -22.92 -3.62
C PRO A 212 -19.76 -24.21 -3.11
N ASP A 213 -20.86 -24.08 -2.36
CA ASP A 213 -21.53 -25.24 -1.79
C ASP A 213 -23.04 -25.23 -2.05
N ALA A 214 -23.46 -24.46 -3.04
CA ALA A 214 -24.87 -24.39 -3.40
C ALA A 214 -25.26 -25.68 -4.11
N ASN A 215 -26.53 -25.80 -4.48
CA ASN A 215 -27.00 -27.01 -5.14
C ASN A 215 -26.43 -27.06 -6.56
N LYS A 216 -27.31 -26.95 -7.56
CA LYS A 216 -26.89 -26.97 -8.95
C LYS A 216 -26.75 -25.53 -9.40
N LYS A 217 -26.86 -24.61 -8.44
CA LYS A 217 -26.76 -23.19 -8.73
C LYS A 217 -25.31 -22.71 -8.70
N ASN A 218 -24.38 -23.60 -8.39
CA ASN A 218 -22.97 -23.22 -8.34
C ASN A 218 -22.46 -22.64 -9.64
N THR A 219 -21.71 -21.56 -9.55
CA THR A 219 -21.14 -20.92 -10.72
C THR A 219 -19.65 -21.20 -10.65
N ASN A 220 -18.91 -20.75 -11.65
CA ASN A 220 -17.47 -20.94 -11.64
C ASN A 220 -16.81 -19.59 -11.36
N ASP A 221 -17.60 -18.65 -10.83
CA ASP A 221 -17.11 -17.33 -10.51
C ASP A 221 -16.23 -17.32 -9.26
N ILE A 222 -15.33 -16.35 -9.20
CA ILE A 222 -14.43 -16.19 -8.06
C ILE A 222 -14.44 -14.73 -7.62
N ILE A 223 -14.42 -14.51 -6.31
CA ILE A 223 -14.34 -13.16 -5.76
C ILE A 223 -13.23 -13.16 -4.71
N ILE A 224 -12.38 -12.14 -4.77
CA ILE A 224 -11.27 -11.99 -3.84
C ILE A 224 -11.53 -10.83 -2.90
N ILE A 225 -11.31 -11.07 -1.61
CA ILE A 225 -11.46 -10.04 -0.59
C ILE A 225 -10.10 -10.00 0.10
N GLY A 226 -9.44 -8.85 0.02
CA GLY A 226 -8.13 -8.75 0.62
C GLY A 226 -7.82 -7.54 1.50
N SER A 227 -6.66 -7.62 2.13
CA SER A 227 -6.13 -6.59 3.03
C SER A 227 -4.66 -6.94 3.21
N HIS A 228 -3.86 -6.05 3.78
CA HIS A 228 -2.46 -6.40 4.00
C HIS A 228 -2.19 -6.44 5.51
N HIS A 229 -1.37 -7.39 5.94
CA HIS A 229 -1.08 -7.54 7.35
C HIS A 229 0.20 -6.91 7.88
N ASP A 230 0.97 -6.26 7.01
CA ASP A 230 2.20 -5.61 7.45
C ASP A 230 1.91 -4.12 7.68
N SER A 231 2.81 -3.45 8.40
CA SER A 231 2.67 -2.01 8.65
C SER A 231 4.06 -1.42 8.52
N VAL A 232 4.15 -0.09 8.50
CA VAL A 232 5.45 0.55 8.36
C VAL A 232 6.20 0.60 9.69
N GLU A 233 7.51 0.83 9.59
CA GLU A 233 8.38 0.91 10.75
C GLU A 233 7.82 1.90 11.77
N LYS A 234 7.88 1.53 13.04
CA LYS A 234 7.40 2.36 14.16
C LYS A 234 5.90 2.60 14.25
N ALA A 235 5.13 2.11 13.28
CA ALA A 235 3.68 2.28 13.30
C ALA A 235 2.96 1.01 13.75
N PRO A 236 2.21 1.08 14.86
CA PRO A 236 1.49 -0.11 15.34
C PRO A 236 0.51 -0.65 14.29
N GLY A 237 0.17 0.20 13.32
CA GLY A 237 -0.71 -0.20 12.24
C GLY A 237 -2.10 -0.69 12.61
N ALA A 238 -2.76 -0.03 13.57
CA ALA A 238 -4.10 -0.44 13.97
C ALA A 238 -5.06 -0.26 12.79
N ASN A 239 -5.01 0.91 12.15
CA ASN A 239 -5.90 1.14 11.02
C ASN A 239 -5.27 0.77 9.68
N ASP A 240 -3.94 0.92 9.59
CA ASP A 240 -3.22 0.58 8.36
C ASP A 240 -2.24 -0.56 8.65
N ASP A 241 -2.67 -1.80 8.46
CA ASP A 241 -4.02 -2.12 7.99
C ASP A 241 -4.66 -3.26 8.78
N ALA A 242 -4.50 -3.24 10.11
CA ALA A 242 -5.12 -4.28 10.92
C ALA A 242 -6.63 -4.19 10.75
N SER A 243 -7.13 -2.97 10.52
CA SER A 243 -8.57 -2.76 10.31
C SER A 243 -9.05 -3.60 9.11
N GLY A 244 -8.31 -3.52 8.01
CA GLY A 244 -8.68 -4.29 6.82
C GLY A 244 -8.61 -5.77 7.10
N VAL A 245 -7.57 -6.19 7.82
CA VAL A 245 -7.42 -7.60 8.17
C VAL A 245 -8.60 -8.04 9.05
N ALA A 246 -9.00 -7.18 9.98
CA ALA A 246 -10.11 -7.47 10.87
C ALA A 246 -11.41 -7.68 10.10
N VAL A 247 -11.67 -6.82 9.12
CA VAL A 247 -12.90 -6.94 8.33
C VAL A 247 -12.81 -8.17 7.42
N THR A 248 -11.62 -8.46 6.91
CA THR A 248 -11.43 -9.62 6.04
C THR A 248 -11.74 -10.89 6.83
N LEU A 249 -11.22 -10.98 8.05
CA LEU A 249 -11.45 -12.14 8.90
C LEU A 249 -12.92 -12.27 9.30
N GLU A 250 -13.53 -11.17 9.75
CA GLU A 250 -14.92 -11.22 10.17
C GLU A 250 -15.84 -11.58 9.00
N LEU A 251 -15.56 -11.05 7.80
CA LEU A 251 -16.42 -11.39 6.66
C LEU A 251 -16.26 -12.86 6.31
N ALA A 252 -15.05 -13.40 6.50
CA ALA A 252 -14.83 -14.81 6.22
C ALA A 252 -15.66 -15.63 7.21
N ARG A 253 -15.68 -15.19 8.47
CA ARG A 253 -16.45 -15.87 9.50
C ARG A 253 -17.93 -15.82 9.15
N VAL A 254 -18.41 -14.64 8.76
CA VAL A 254 -19.82 -14.46 8.40
C VAL A 254 -20.24 -15.37 7.24
N MET A 255 -19.43 -15.41 6.19
CA MET A 255 -19.76 -16.22 5.02
C MET A 255 -19.76 -17.73 5.30
N SER A 256 -19.01 -18.16 6.31
CA SER A 256 -18.96 -19.58 6.64
C SER A 256 -20.30 -20.07 7.17
N LYS A 257 -21.19 -19.14 7.48
CA LYS A 257 -22.52 -19.48 8.01
C LYS A 257 -23.57 -19.50 6.91
N LEU A 258 -23.15 -19.19 5.69
CA LEU A 258 -24.09 -19.11 4.58
C LEU A 258 -23.71 -19.95 3.37
N LYS A 259 -24.72 -20.31 2.58
CA LYS A 259 -24.49 -21.09 1.37
C LYS A 259 -24.06 -20.09 0.29
N THR A 260 -23.12 -20.49 -0.55
CA THR A 260 -22.62 -19.62 -1.61
C THR A 260 -22.46 -20.37 -2.93
N ASP A 261 -22.67 -19.67 -4.03
CA ASP A 261 -22.53 -20.27 -5.36
C ASP A 261 -21.34 -19.68 -6.09
N THR A 262 -20.53 -18.93 -5.33
CA THR A 262 -19.36 -18.27 -5.88
C THR A 262 -18.17 -18.50 -4.95
N GLU A 263 -17.06 -18.98 -5.52
CA GLU A 263 -15.87 -19.23 -4.74
C GLU A 263 -15.36 -17.93 -4.13
N LEU A 264 -15.07 -17.94 -2.83
CA LEU A 264 -14.60 -16.75 -2.15
C LEU A 264 -13.19 -16.98 -1.61
N ARG A 265 -12.28 -16.08 -1.92
CA ARG A 265 -10.91 -16.20 -1.44
C ARG A 265 -10.60 -14.98 -0.57
N PHE A 266 -10.44 -15.24 0.74
CA PHE A 266 -10.12 -14.20 1.70
C PHE A 266 -8.60 -14.23 1.87
N ILE A 267 -7.96 -13.10 1.58
CA ILE A 267 -6.52 -13.02 1.62
C ILE A 267 -5.92 -11.83 2.37
N THR A 268 -4.84 -12.10 3.11
CA THR A 268 -4.11 -11.03 3.77
C THR A 268 -2.73 -11.09 3.15
N PHE A 269 -2.33 -9.99 2.53
CA PHE A 269 -1.05 -9.89 1.84
C PHE A 269 0.09 -9.37 2.71
N GLY A 270 1.30 -9.87 2.45
CA GLY A 270 2.46 -9.41 3.19
C GLY A 270 3.23 -8.39 2.36
N ALA A 271 4.12 -7.67 3.03
CA ALA A 271 4.97 -6.68 2.36
C ALA A 271 4.26 -5.72 1.41
N GLU A 272 3.07 -5.25 1.79
CA GLU A 272 2.33 -4.30 0.97
C GLU A 272 3.02 -2.94 0.99
N GLU A 273 3.52 -2.55 2.16
CA GLU A 273 4.18 -1.26 2.34
C GLU A 273 5.48 -1.16 1.55
N ASN A 274 6.05 -2.31 1.19
CA ASN A 274 7.30 -2.39 0.44
C ASN A 274 7.07 -2.28 -1.05
N GLY A 275 5.83 -2.09 -1.47
CA GLY A 275 5.55 -1.97 -2.89
C GLY A 275 4.58 -3.02 -3.43
N LEU A 276 3.62 -3.43 -2.60
CA LEU A 276 2.60 -4.41 -3.01
C LEU A 276 3.26 -5.72 -3.45
N ILE A 277 4.37 -6.07 -2.83
CA ILE A 277 5.09 -7.28 -3.19
C ILE A 277 4.27 -8.55 -2.99
N GLY A 278 3.61 -8.66 -1.84
CA GLY A 278 2.79 -9.83 -1.56
C GLY A 278 1.68 -10.06 -2.57
N SER A 279 0.89 -9.03 -2.85
CA SER A 279 -0.21 -9.18 -3.81
C SER A 279 0.29 -9.42 -5.23
N LYS A 280 1.46 -8.88 -5.55
CA LYS A 280 2.04 -9.12 -6.87
C LYS A 280 2.41 -10.60 -6.97
N LYS A 281 2.92 -11.17 -5.89
CA LYS A 281 3.31 -12.58 -5.88
C LYS A 281 2.08 -13.48 -5.97
N TYR A 282 1.02 -13.11 -5.27
CA TYR A 282 -0.20 -13.92 -5.33
C TYR A 282 -0.83 -13.83 -6.71
N ALA A 283 -0.91 -12.62 -7.25
CA ALA A 283 -1.50 -12.44 -8.58
C ALA A 283 -0.75 -13.28 -9.62
N ALA A 284 0.57 -13.35 -9.47
CA ALA A 284 1.40 -14.12 -10.41
C ALA A 284 1.18 -15.63 -10.30
N SER A 285 0.49 -16.07 -9.26
CA SER A 285 0.25 -17.50 -9.07
C SER A 285 -1.00 -17.98 -9.78
N LEU A 286 -1.85 -17.06 -10.23
CA LEU A 286 -3.10 -17.40 -10.89
C LEU A 286 -2.96 -17.88 -12.33
N SER A 287 -3.81 -18.83 -12.71
CA SER A 287 -3.81 -19.35 -14.08
C SER A 287 -4.66 -18.40 -14.92
N GLU A 288 -4.62 -18.57 -16.24
CA GLU A 288 -5.42 -17.73 -17.13
C GLU A 288 -6.91 -17.97 -16.87
N ASP A 289 -7.26 -19.20 -16.51
CA ASP A 289 -8.66 -19.53 -16.23
C ASP A 289 -9.13 -18.84 -14.95
N GLU A 290 -8.31 -18.88 -13.90
CA GLU A 290 -8.68 -18.23 -12.65
C GLU A 290 -8.83 -16.72 -12.87
N ILE A 291 -7.94 -16.16 -13.67
CA ILE A 291 -7.99 -14.73 -13.96
C ILE A 291 -9.31 -14.34 -14.62
N LYS A 292 -9.70 -15.07 -15.66
CA LYS A 292 -10.94 -14.75 -16.35
C LYS A 292 -12.19 -15.05 -15.52
N ARG A 293 -12.09 -15.96 -14.57
CA ARG A 293 -13.25 -16.29 -13.74
C ARG A 293 -13.39 -15.39 -12.50
N THR A 294 -12.40 -14.55 -12.24
CA THR A 294 -12.48 -13.68 -11.07
C THR A 294 -13.29 -12.44 -11.43
N ILE A 295 -14.55 -12.42 -10.98
CA ILE A 295 -15.44 -11.32 -11.30
C ILE A 295 -15.17 -10.04 -10.51
N GLY A 296 -14.37 -10.15 -9.45
CA GLY A 296 -14.07 -8.97 -8.67
C GLY A 296 -13.12 -9.16 -7.50
N MET A 297 -12.38 -8.11 -7.18
CA MET A 297 -11.46 -8.13 -6.05
C MET A 297 -11.72 -6.90 -5.20
N PHE A 298 -12.05 -7.13 -3.93
CA PHE A 298 -12.34 -6.07 -2.97
C PHE A 298 -11.13 -5.89 -2.04
N GLN A 299 -10.50 -4.72 -2.07
CA GLN A 299 -9.37 -4.45 -1.18
C GLN A 299 -9.81 -3.56 -0.01
N LEU A 300 -9.51 -4.01 1.19
CA LEU A 300 -9.86 -3.30 2.41
C LEU A 300 -8.59 -2.75 3.04
N ASP A 301 -8.43 -1.43 3.00
CA ASP A 301 -7.23 -0.81 3.56
C ASP A 301 -7.61 0.51 4.24
N MET A 302 -7.42 0.56 5.55
CA MET A 302 -7.75 1.74 6.37
C MET A 302 -9.25 1.95 6.39
N VAL A 303 -9.92 1.08 7.14
CA VAL A 303 -11.37 1.09 7.23
C VAL A 303 -11.94 1.14 8.65
N GLY A 304 -11.20 1.71 9.60
CA GLY A 304 -11.71 1.77 10.95
C GLY A 304 -11.37 2.99 11.80
N SER A 305 -10.75 4.01 11.22
CA SER A 305 -10.37 5.19 12.00
C SER A 305 -11.48 6.20 12.28
N LYS A 306 -11.64 6.57 13.54
CA LYS A 306 -12.66 7.53 13.92
C LYS A 306 -12.24 8.93 13.43
N ASP A 307 -10.97 9.08 13.09
CA ASP A 307 -10.44 10.35 12.62
C ASP A 307 -10.29 10.49 11.10
N ALA A 308 -10.91 9.57 10.36
CA ALA A 308 -10.87 9.60 8.90
C ALA A 308 -12.25 10.00 8.40
N GLY A 309 -12.34 10.37 7.12
CA GLY A 309 -13.60 10.80 6.54
C GLY A 309 -14.58 9.72 6.11
N ASP A 310 -15.41 10.03 5.11
CA ASP A 310 -16.41 9.07 4.63
C ASP A 310 -15.79 7.95 3.80
N LEU A 311 -16.55 6.86 3.69
CA LEU A 311 -16.12 5.70 2.92
C LEU A 311 -16.15 6.07 1.43
N ILE A 312 -15.17 5.58 0.69
CA ILE A 312 -15.10 5.83 -0.75
C ILE A 312 -14.46 4.62 -1.43
N MET A 313 -14.73 4.45 -2.72
CA MET A 313 -14.18 3.34 -3.48
C MET A 313 -13.21 3.88 -4.51
N TYR A 314 -11.98 3.38 -4.51
CA TYR A 314 -10.97 3.82 -5.46
C TYR A 314 -10.59 2.75 -6.48
N THR A 315 -10.53 3.14 -7.75
CA THR A 315 -10.12 2.23 -8.82
C THR A 315 -8.88 2.84 -9.48
N ILE A 316 -8.02 1.99 -10.04
CA ILE A 316 -6.79 2.45 -10.67
C ILE A 316 -7.01 3.47 -11.79
N ASP A 317 -7.94 3.18 -12.69
CA ASP A 317 -8.22 4.08 -13.81
C ASP A 317 -9.31 5.11 -13.58
N GLY A 318 -9.81 5.19 -12.35
CA GLY A 318 -10.85 6.17 -12.06
C GLY A 318 -12.17 5.87 -12.77
N LYS A 319 -12.35 4.64 -13.23
CA LYS A 319 -13.58 4.27 -13.91
C LYS A 319 -14.35 3.28 -13.05
N LYS A 320 -15.65 3.16 -13.33
CA LYS A 320 -16.50 2.21 -12.58
C LYS A 320 -16.27 0.80 -13.10
N ASN A 321 -16.44 -0.19 -12.23
CA ASN A 321 -16.30 -1.59 -12.62
C ASN A 321 -17.29 -2.42 -11.79
N ARG A 322 -17.28 -3.74 -11.97
CA ARG A 322 -18.23 -4.58 -11.25
C ARG A 322 -18.13 -4.44 -9.73
N VAL A 323 -16.92 -4.23 -9.22
CA VAL A 323 -16.76 -4.08 -7.78
C VAL A 323 -17.39 -2.78 -7.29
N THR A 324 -17.14 -1.66 -7.95
CA THR A 324 -17.75 -0.41 -7.50
C THR A 324 -19.26 -0.45 -7.67
N ASP A 325 -19.73 -1.17 -8.70
CA ASP A 325 -21.16 -1.31 -8.93
C ASP A 325 -21.80 -2.04 -7.76
N LEU A 326 -21.16 -3.12 -7.30
CA LEU A 326 -21.70 -3.89 -6.17
C LEU A 326 -21.59 -3.09 -4.88
N GLY A 327 -20.47 -2.39 -4.71
CA GLY A 327 -20.28 -1.60 -3.51
C GLY A 327 -21.32 -0.50 -3.44
N ALA A 328 -21.53 0.17 -4.57
CA ALA A 328 -22.51 1.24 -4.65
C ALA A 328 -23.92 0.72 -4.40
N ALA A 329 -24.23 -0.47 -4.94
CA ALA A 329 -25.55 -1.06 -4.76
C ALA A 329 -25.82 -1.38 -3.29
N ALA A 330 -24.87 -2.06 -2.65
CA ALA A 330 -25.03 -2.41 -1.25
C ALA A 330 -25.20 -1.14 -0.41
N SER A 331 -24.33 -0.16 -0.61
CA SER A 331 -24.40 1.08 0.16
C SER A 331 -25.74 1.80 -0.02
N SER A 332 -26.25 1.83 -1.25
CA SER A 332 -27.51 2.51 -1.52
C SER A 332 -28.63 1.93 -0.65
N ARG A 333 -28.55 0.65 -0.35
CA ARG A 333 -29.56 -0.02 0.48
C ARG A 333 -29.27 0.13 1.96
N LEU A 334 -27.99 0.20 2.31
CA LEU A 334 -27.59 0.26 3.71
C LEU A 334 -27.23 1.60 4.35
N SER A 335 -26.59 2.49 3.60
CA SER A 335 -26.16 3.77 4.19
C SER A 335 -26.37 5.02 3.34
N GLY A 336 -26.52 4.84 2.04
CA GLY A 336 -26.70 6.00 1.18
C GLY A 336 -25.77 5.95 -0.02
N VAL A 337 -25.42 7.11 -0.57
CA VAL A 337 -24.55 7.17 -1.74
C VAL A 337 -23.08 6.92 -1.42
N LEU A 338 -22.48 5.99 -2.15
CA LEU A 338 -21.07 5.68 -1.95
C LEU A 338 -20.33 6.11 -3.22
N PRO A 339 -19.54 7.19 -3.12
CA PRO A 339 -18.77 7.72 -4.25
C PRO A 339 -17.59 6.84 -4.62
N TYR A 340 -17.02 7.10 -5.79
CA TYR A 340 -15.85 6.36 -6.25
C TYR A 340 -14.86 7.41 -6.77
N GLY A 341 -13.60 7.02 -6.89
CA GLY A 341 -12.59 7.94 -7.39
C GLY A 341 -11.42 7.16 -7.96
N GLN A 342 -10.34 7.87 -8.28
CA GLN A 342 -9.16 7.23 -8.85
C GLN A 342 -8.00 7.25 -7.86
N GLU A 343 -7.45 6.08 -7.60
CA GLU A 343 -6.31 5.95 -6.70
C GLU A 343 -5.78 4.52 -6.66
N GLY A 344 -4.47 4.41 -6.53
CA GLY A 344 -3.83 3.12 -6.43
C GLY A 344 -3.26 3.05 -5.03
N ARG A 345 -1.97 2.78 -4.92
CA ARG A 345 -1.29 2.73 -3.63
C ARG A 345 -1.69 1.58 -2.72
N SER A 346 -2.40 0.58 -3.25
CA SER A 346 -2.76 -0.58 -2.42
C SER A 346 -2.86 -1.86 -3.26
N ASP A 347 -3.07 -2.99 -2.61
CA ASP A 347 -3.12 -4.28 -3.29
C ASP A 347 -4.08 -4.45 -4.47
N HIS A 348 -5.11 -3.61 -4.56
CA HIS A 348 -6.03 -3.73 -5.67
C HIS A 348 -5.33 -3.47 -7.01
N GLU A 349 -4.21 -2.76 -6.96
CA GLU A 349 -3.46 -2.45 -8.16
C GLU A 349 -2.92 -3.74 -8.80
N SER A 350 -2.53 -4.69 -7.96
CA SER A 350 -1.97 -5.96 -8.42
C SER A 350 -2.95 -6.81 -9.22
N PHE A 351 -4.24 -6.64 -8.96
CA PHE A 351 -5.26 -7.40 -9.68
C PHE A 351 -5.77 -6.63 -10.88
N HIS A 352 -5.80 -5.31 -10.74
CA HIS A 352 -6.24 -4.46 -11.84
C HIS A 352 -5.26 -4.68 -13.00
N ALA A 353 -3.99 -4.92 -12.66
CA ALA A 353 -2.97 -5.13 -13.66
C ALA A 353 -3.23 -6.36 -14.52
N LEU A 354 -4.07 -7.28 -14.01
CA LEU A 354 -4.38 -8.49 -14.76
C LEU A 354 -5.72 -8.39 -15.48
N GLY A 355 -6.35 -7.23 -15.39
CA GLY A 355 -7.64 -7.03 -16.04
C GLY A 355 -8.83 -7.44 -15.17
N ILE A 356 -8.56 -7.77 -13.91
CA ILE A 356 -9.63 -8.17 -12.99
C ILE A 356 -10.27 -6.93 -12.36
N PRO A 357 -11.62 -6.86 -12.36
CA PRO A 357 -12.30 -5.70 -11.77
C PRO A 357 -11.84 -5.58 -10.31
N ALA A 358 -11.42 -4.39 -9.90
CA ALA A 358 -10.94 -4.23 -8.52
C ALA A 358 -11.14 -2.83 -7.97
N ALA A 359 -11.29 -2.74 -6.65
CA ALA A 359 -11.48 -1.46 -6.00
C ALA A 359 -11.02 -1.49 -4.55
N LEU A 360 -10.50 -0.35 -4.11
CA LEU A 360 -10.04 -0.16 -2.75
C LEU A 360 -11.14 0.53 -1.96
N PHE A 361 -11.46 -0.02 -0.79
CA PHE A 361 -12.47 0.54 0.09
C PHE A 361 -11.68 1.15 1.23
N ILE A 362 -11.84 2.46 1.44
CA ILE A 362 -11.08 3.18 2.46
C ILE A 362 -11.83 4.45 2.91
N HIS A 363 -11.53 4.93 4.11
CA HIS A 363 -12.16 6.15 4.61
C HIS A 363 -11.26 7.33 4.24
N ALA A 364 -11.80 8.27 3.48
CA ALA A 364 -11.04 9.44 3.05
C ALA A 364 -11.82 10.73 3.27
N PRO A 365 -11.12 11.84 3.52
CA PRO A 365 -9.66 11.95 3.62
C PRO A 365 -9.14 11.12 4.80
N VAL A 366 -7.92 10.60 4.69
CA VAL A 366 -7.36 9.78 5.74
C VAL A 366 -6.99 10.56 7.00
N GLU A 367 -6.83 9.83 8.10
CA GLU A 367 -6.48 10.41 9.39
C GLU A 367 -5.04 10.91 9.40
N PRO A 368 -4.69 11.76 10.37
CA PRO A 368 -3.33 12.30 10.48
C PRO A 368 -2.33 11.26 11.01
N TRP A 369 -2.87 10.21 11.62
CA TRP A 369 -2.07 9.15 12.24
C TRP A 369 -1.48 8.14 11.27
N TYR A 370 -1.91 8.22 10.03
CA TYR A 370 -1.44 7.36 8.95
C TYR A 370 0.09 7.24 8.93
N HIS A 371 0.61 6.02 9.08
CA HIS A 371 2.05 5.75 9.07
C HIS A 371 2.85 6.37 10.21
N THR A 372 2.21 6.58 11.36
CA THR A 372 2.92 7.17 12.50
C THR A 372 2.74 6.29 13.72
N PRO A 373 3.50 6.56 14.79
CA PRO A 373 3.38 5.76 16.02
C PRO A 373 2.00 5.95 16.63
N ASN A 374 1.25 6.91 16.11
CA ASN A 374 -0.08 7.21 16.61
C ASN A 374 -1.19 6.39 15.95
N ASP A 375 -0.83 5.54 15.00
CA ASP A 375 -1.81 4.69 14.32
C ASP A 375 -2.07 3.54 15.30
N THR A 376 -2.85 3.84 16.32
CA THR A 376 -3.14 2.90 17.39
C THR A 376 -4.60 2.53 17.60
N LEU A 377 -4.81 1.55 18.48
CA LEU A 377 -6.12 1.02 18.82
C LEU A 377 -7.14 2.06 19.31
N ASP A 378 -6.67 3.07 20.04
CA ASP A 378 -7.60 4.07 20.55
C ASP A 378 -8.15 5.03 19.52
N LYS A 379 -7.72 4.89 18.27
CA LYS A 379 -8.22 5.75 17.18
C LYS A 379 -9.30 5.01 16.40
N ILE A 380 -9.49 3.73 16.73
CA ILE A 380 -10.45 2.86 16.04
C ILE A 380 -11.92 2.99 16.44
N SER A 381 -12.79 3.00 15.42
CA SER A 381 -14.23 3.10 15.62
C SER A 381 -14.92 1.78 15.26
N LYS A 382 -15.55 1.14 16.24
CA LYS A 382 -16.24 -0.11 16.00
C LYS A 382 -17.40 0.11 15.04
N GLU A 383 -18.06 1.26 15.17
CA GLU A 383 -19.19 1.58 14.31
C GLU A 383 -18.79 1.66 12.83
N LYS A 384 -17.62 2.21 12.55
CA LYS A 384 -17.16 2.30 11.16
C LYS A 384 -16.69 0.95 10.66
N LEU A 385 -16.06 0.16 11.51
CA LEU A 385 -15.61 -1.17 11.11
C LEU A 385 -16.85 -1.98 10.75
N ASP A 386 -17.89 -1.87 11.56
CA ASP A 386 -19.11 -2.61 11.32
C ASP A 386 -19.80 -2.13 10.03
N ASN A 387 -19.82 -0.84 9.79
CA ASN A 387 -20.45 -0.32 8.58
C ASN A 387 -19.75 -0.84 7.32
N VAL A 388 -18.42 -0.84 7.33
CA VAL A 388 -17.65 -1.32 6.18
C VAL A 388 -17.89 -2.81 5.98
N ALA A 389 -17.91 -3.56 7.08
CA ALA A 389 -18.16 -5.00 7.00
C ALA A 389 -19.55 -5.20 6.40
N ASP A 390 -20.51 -4.38 6.83
CA ASP A 390 -21.88 -4.48 6.31
C ASP A 390 -21.94 -4.21 4.81
N ILE A 391 -21.32 -3.11 4.38
CA ILE A 391 -21.37 -2.75 2.97
C ILE A 391 -20.58 -3.71 2.06
N VAL A 392 -19.33 -3.98 2.41
CA VAL A 392 -18.50 -4.88 1.60
C VAL A 392 -19.09 -6.29 1.61
N GLY A 393 -19.50 -6.75 2.79
CA GLY A 393 -20.07 -8.09 2.90
C GLY A 393 -21.34 -8.26 2.09
N SER A 394 -22.22 -7.26 2.13
CA SER A 394 -23.46 -7.34 1.37
C SER A 394 -23.19 -7.25 -0.13
N ALA A 395 -22.15 -6.49 -0.51
CA ALA A 395 -21.80 -6.35 -1.91
C ALA A 395 -21.31 -7.70 -2.43
N VAL A 396 -20.47 -8.35 -1.63
CA VAL A 396 -19.93 -9.66 -2.00
C VAL A 396 -21.06 -10.68 -2.01
N TYR A 397 -21.94 -10.59 -1.01
CA TYR A 397 -23.04 -11.54 -0.90
C TYR A 397 -24.07 -11.37 -2.01
N GLN A 398 -24.20 -10.15 -2.53
CA GLN A 398 -25.16 -9.92 -3.61
C GLN A 398 -24.76 -10.85 -4.75
N ALA A 399 -23.47 -11.10 -4.85
CA ALA A 399 -22.96 -11.99 -5.88
C ALA A 399 -22.86 -13.43 -5.40
N ALA A 400 -22.37 -13.65 -4.19
CA ALA A 400 -22.19 -15.02 -3.67
C ALA A 400 -23.43 -15.81 -3.26
N ARG A 401 -24.52 -15.14 -2.92
CA ARG A 401 -25.74 -15.84 -2.50
C ARG A 401 -26.31 -16.67 -3.65
N PRO A 402 -26.90 -17.84 -3.34
CA PRO A 402 -27.47 -18.70 -4.39
C PRO A 402 -28.43 -17.97 -5.34
N GLY A 403 -28.29 -18.26 -6.63
CA GLY A 403 -29.15 -17.63 -7.62
C GLY A 403 -28.31 -16.92 -8.66
N GLU A 404 -28.94 -16.25 -9.63
CA GLU A 404 -28.20 -15.54 -10.67
C GLU A 404 -27.87 -14.12 -10.19
N LEU A 405 -26.74 -13.58 -10.65
CA LEU A 405 -26.32 -12.24 -10.26
C LEU A 405 -27.10 -11.16 -10.98
N VAL A 406 -27.66 -10.23 -10.22
CA VAL A 406 -28.42 -9.12 -10.77
C VAL A 406 -28.00 -7.83 -10.10
N ILE A 407 -27.62 -6.85 -10.90
CA ILE A 407 -27.21 -5.55 -10.38
C ILE A 407 -28.13 -4.49 -10.98
N GLU A 408 -28.97 -3.91 -10.15
CA GLU A 408 -29.89 -2.87 -10.61
C GLU A 408 -29.14 -1.59 -10.93
N PRO A 409 -29.67 -0.81 -11.88
CA PRO A 409 -29.07 0.46 -12.32
C PRO A 409 -29.17 1.56 -11.27
N ILE A 410 -28.03 2.06 -10.81
CA ILE A 410 -28.04 3.16 -9.85
C ILE A 410 -26.86 4.08 -10.06
N ASP A 411 -27.10 5.37 -9.89
CA ASP A 411 -26.08 6.37 -10.08
C ASP A 411 -25.29 6.63 -8.80
N TYR A 412 -23.99 6.78 -8.95
CA TYR A 412 -23.11 7.11 -7.84
C TYR A 412 -22.03 7.96 -8.48
N PRO A 413 -21.71 9.12 -7.86
CA PRO A 413 -20.72 10.07 -8.34
C PRO A 413 -19.24 9.76 -8.13
N ARG A 414 -18.42 10.36 -8.98
CA ARG A 414 -16.98 10.23 -8.89
C ARG A 414 -16.55 11.41 -8.03
N ARG A 415 -15.68 11.16 -7.06
CA ARG A 415 -15.22 12.22 -6.16
C ARG A 415 -13.71 12.37 -6.16
N ASN A 416 -13.24 13.59 -6.37
CA ASN A 416 -11.80 13.86 -6.41
C ASN A 416 -11.36 14.65 -5.19
ZN ZN B . 0.46 2.02 4.50
ZN ZN C . -2.43 0.20 3.83
ZN ZN D . -23.99 -3.26 11.10
ZN ZN E . -22.82 -5.86 12.79
ZN ZN F . -22.56 6.32 16.42
ZN ZN G . 7.61 -18.99 6.00
N2 BES H . -2.68 3.14 3.01
C1 BES H . -2.32 2.53 1.74
C6 BES H . -1.98 3.62 0.74
C7 BES H . -3.01 4.72 0.82
C8 BES H . -2.89 5.72 1.78
C12 BES H . -4.08 4.75 -0.07
C9 BES H . -3.83 6.73 1.87
C11 BES H . -5.02 5.77 0.01
C10 BES H . -4.90 6.75 0.98
C2 BES H . -1.14 1.59 1.94
O2 BES H . -1.09 1.17 3.32
C3 BES H . 0.14 2.30 1.59
O3 BES H . 0.85 2.76 2.47
N1 BES H . 0.42 2.39 0.30
C4 BES H . 1.63 3.06 -0.16
C13 BES H . 1.66 2.84 -1.66
C14 BES H . 2.37 1.53 -2.01
C15 BES H . 2.80 1.51 -3.47
C16 BES H . 3.55 1.28 -1.09
C5 BES H . 1.59 4.53 0.13
O1 BES H . 0.48 5.08 0.23
O4 BES H . 2.68 5.14 0.27
C1 IPA I . -26.00 -13.74 -7.21
C2 IPA I . -25.48 -15.07 -7.80
C3 IPA I . -24.32 -14.86 -8.77
O2 IPA I . -25.04 -15.90 -6.75
#